data_3PNC
#
_entry.id   3PNC
#
_cell.length_a   56.161
_cell.length_b   62.254
_cell.length_c   139.834
_cell.angle_alpha   90.00
_cell.angle_beta   90.00
_cell.angle_gamma   90.00
#
_symmetry.space_group_name_H-M   'P 21 21 21'
#
loop_
_entity.id
_entity.type
_entity.pdbx_description
1 polymer 'DNA polymerase lambda'
2 polymer "5'-D(*CP*AP*GP*TP*AP*G)-3'"
3 polymer "5'-D(*CP*GP*GP*CP*CP*TP*TP*AP*CP*TP*G)-3'"
4 polymer "5'-D(*GP*CP*CP*G)-3'"
5 non-polymer "2'-deoxy-5'-O-[(R)-hydroxy{[(S)-hydroxy(phosphonooxy)phosphoryl]methyl}phosphoryl]guanosine"
6 non-polymer 'MAGNESIUM ION'
7 non-polymer 'SODIUM ION'
8 non-polymer 2-AMINO-2-HYDROXYMETHYL-PROPANE-1,3-DIOL
9 water water
#
loop_
_entity_poly.entity_id
_entity_poly.type
_entity_poly.pdbx_seq_one_letter_code
_entity_poly.pdbx_strand_id
1 'polypeptide(L)'
;AQPSSQKATNHNLHITEKLEVLAKAYSVQGDKWRALGYAKAINALKSFHKPVTSYQEACSIPGIGKRMAEKIIEILESGH
LRKLDHISESVPVLELFSNIWGAGTKTAQMWYQQGFRSLEDIRSQASLTTQQAIGLKHYSDFLERMPREEATEIEQTVQK
AAQAFNSGLLCVACGSYRRGKATCGDVDVLITHPDGRSHRGIFSRLLDSLRQEGFLTDDLVKGETKYLGVCRLPGPGRRH
RRLDIIVVPYSEFACALLYFTGSAHFNRSMRALAKTKGMSLSEHALSTAVVRNTHGCKVGPGRVLPTPTEKDVFRLLGLP
YREPAERDW
;
A
2 'polydeoxyribonucleotide' (DC)(DA)(DG)(DT)(DA)(DG) B
3 'polydeoxyribonucleotide' (DC)(DG)(DG)(DC)(DC)(DT)(DT)(DA)(DC)(DT)(DG) C
4 'polydeoxyribonucleotide' (DG)(DC)(DC)(DG) D
#
# COMPACT_ATOMS: atom_id res chain seq x y z
N THR A 9 12.06 -17.47 3.42
CA THR A 9 12.89 -16.30 3.81
C THR A 9 13.88 -15.94 2.71
N ASN A 10 14.21 -14.65 2.61
CA ASN A 10 15.14 -14.17 1.60
C ASN A 10 16.51 -14.85 1.68
N HIS A 11 16.97 -15.37 0.54
CA HIS A 11 18.25 -16.06 0.46
C HIS A 11 19.33 -15.21 -0.21
N ASN A 12 18.96 -14.00 -0.60
CA ASN A 12 19.91 -13.10 -1.28
C ASN A 12 19.91 -11.70 -0.67
N LEU A 13 19.92 -11.62 0.65
CA LEU A 13 19.94 -10.34 1.34
C LEU A 13 21.20 -9.56 0.99
N HIS A 14 22.30 -10.29 0.76
CA HIS A 14 23.56 -9.66 0.41
C HIS A 14 23.43 -8.96 -0.93
N ILE A 15 22.37 -9.30 -1.66
CA ILE A 15 22.12 -8.69 -2.97
C ILE A 15 21.03 -7.64 -2.88
N THR A 16 19.86 -8.04 -2.39
CA THR A 16 18.73 -7.13 -2.28
C THR A 16 19.05 -5.88 -1.45
N GLU A 17 19.71 -6.07 -0.31
CA GLU A 17 20.05 -4.94 0.54
C GLU A 17 20.77 -3.84 -0.23
N LYS A 18 21.53 -4.24 -1.24
CA LYS A 18 22.26 -3.28 -2.07
C LYS A 18 21.34 -2.66 -3.12
N LEU A 19 20.54 -3.50 -3.76
CA LEU A 19 19.62 -3.05 -4.80
C LEU A 19 18.52 -2.14 -4.26
N GLU A 20 18.07 -2.39 -3.04
CA GLU A 20 17.01 -1.58 -2.45
C GLU A 20 17.44 -0.12 -2.37
N VAL A 21 18.71 0.10 -2.05
CA VAL A 21 19.25 1.45 -1.95
C VAL A 21 19.13 2.15 -3.30
N LEU A 22 19.52 1.46 -4.35
CA LEU A 22 19.46 2.01 -5.71
C LEU A 22 18.01 2.19 -6.12
N ALA A 23 17.19 1.18 -5.87
CA ALA A 23 15.77 1.25 -6.23
C ALA A 23 15.13 2.47 -5.57
N LYS A 24 15.46 2.70 -4.30
CA LYS A 24 14.92 3.82 -3.54
C LYS A 24 15.45 5.15 -4.10
N ALA A 25 16.71 5.14 -4.55
CA ALA A 25 17.31 6.35 -5.10
C ALA A 25 16.53 6.79 -6.33
N TYR A 26 16.26 5.86 -7.23
CA TYR A 26 15.53 6.17 -8.45
C TYR A 26 14.09 6.59 -8.11
N SER A 27 13.51 5.95 -7.10
CA SER A 27 12.14 6.28 -6.71
C SER A 27 11.98 7.73 -6.27
N VAL A 28 12.80 8.18 -5.31
CA VAL A 28 12.69 9.55 -4.83
C VAL A 28 13.05 10.60 -5.86
N GLN A 29 13.87 10.24 -6.84
CA GLN A 29 14.27 11.20 -7.87
C GLN A 29 13.28 11.29 -9.03
N GLY A 30 12.24 10.45 -9.00
CA GLY A 30 11.24 10.51 -10.05
C GLY A 30 11.31 9.49 -11.17
N ASP A 31 12.35 8.66 -11.21
CA ASP A 31 12.46 7.65 -12.25
C ASP A 31 11.65 6.43 -11.80
N LYS A 32 10.33 6.60 -11.73
CA LYS A 32 9.45 5.54 -11.24
C LYS A 32 9.46 4.20 -11.98
N TRP A 33 9.51 4.21 -13.31
CA TRP A 33 9.51 2.95 -14.06
C TRP A 33 10.77 2.15 -13.79
N ARG A 34 11.92 2.82 -13.76
CA ARG A 34 13.17 2.14 -13.48
C ARG A 34 13.10 1.58 -12.06
N ALA A 35 12.60 2.39 -11.13
CA ALA A 35 12.48 1.93 -9.74
C ALA A 35 11.55 0.73 -9.68
N LEU A 36 10.53 0.71 -10.53
CA LEU A 36 9.58 -0.42 -10.54
C LEU A 36 10.36 -1.65 -10.97
N GLY A 37 11.22 -1.49 -11.98
CA GLY A 37 12.02 -2.61 -12.45
C GLY A 37 12.82 -3.19 -11.31
N TYR A 38 13.53 -2.33 -10.57
CA TYR A 38 14.34 -2.80 -9.45
C TYR A 38 13.48 -3.46 -8.38
N ALA A 39 12.36 -2.84 -8.05
CA ALA A 39 11.46 -3.38 -7.03
C ALA A 39 11.07 -4.80 -7.37
N LYS A 40 10.62 -5.02 -8.60
CA LYS A 40 10.22 -6.35 -9.02
C LYS A 40 11.40 -7.31 -9.00
N ALA A 41 12.57 -6.82 -9.38
CA ALA A 41 13.76 -7.67 -9.37
C ALA A 41 13.99 -8.12 -7.93
N ILE A 42 13.95 -7.17 -7.01
CA ILE A 42 14.15 -7.46 -5.59
C ILE A 42 13.12 -8.47 -5.08
N ASN A 43 11.85 -8.27 -5.41
CA ASN A 43 10.81 -9.18 -4.97
C ASN A 43 11.15 -10.60 -5.41
N ALA A 44 11.65 -10.73 -6.63
CA ALA A 44 12.02 -12.03 -7.17
C ALA A 44 13.13 -12.62 -6.31
N LEU A 45 14.29 -11.97 -6.31
CA LEU A 45 15.43 -12.42 -5.53
C LEU A 45 15.03 -12.88 -4.14
N LYS A 46 14.08 -12.16 -3.53
CA LYS A 46 13.63 -12.50 -2.18
C LYS A 46 12.79 -13.77 -2.12
N SER A 47 11.71 -13.82 -2.88
CA SER A 47 10.84 -14.98 -2.88
C SER A 47 11.45 -16.18 -3.62
N PHE A 48 12.76 -16.17 -3.75
CA PHE A 48 13.46 -17.26 -4.43
C PHE A 48 13.55 -18.47 -3.49
N HIS A 49 14.28 -19.50 -3.90
CA HIS A 49 14.40 -20.70 -3.07
C HIS A 49 15.83 -20.98 -2.59
N LYS A 50 16.81 -20.59 -3.39
CA LYS A 50 18.21 -20.82 -3.03
C LYS A 50 19.10 -19.67 -3.47
N PRO A 51 19.98 -19.19 -2.58
CA PRO A 51 20.88 -18.08 -2.91
C PRO A 51 21.47 -18.18 -4.31
N VAL A 52 21.21 -17.17 -5.14
CA VAL A 52 21.71 -17.14 -6.51
C VAL A 52 23.23 -17.06 -6.45
N THR A 53 23.90 -17.69 -7.42
CA THR A 53 25.35 -17.69 -7.46
C THR A 53 25.92 -17.55 -8.86
N SER A 54 25.07 -17.65 -9.88
CA SER A 54 25.54 -17.54 -11.25
C SER A 54 24.78 -16.53 -12.10
N TYR A 55 25.50 -15.92 -13.03
CA TYR A 55 24.94 -14.93 -13.94
C TYR A 55 23.78 -15.54 -14.72
N GLN A 56 24.09 -16.53 -15.54
CA GLN A 56 23.07 -17.21 -16.34
C GLN A 56 21.95 -17.67 -15.43
N GLU A 57 22.29 -17.99 -14.19
CA GLU A 57 21.32 -18.43 -13.20
C GLU A 57 20.35 -17.29 -12.87
N ALA A 58 20.90 -16.08 -12.80
CA ALA A 58 20.09 -14.90 -12.49
C ALA A 58 19.15 -14.58 -13.65
N CYS A 59 19.73 -14.39 -14.83
CA CYS A 59 18.99 -14.06 -16.03
C CYS A 59 17.72 -14.90 -16.21
N SER A 60 17.83 -16.19 -15.98
CA SER A 60 16.69 -17.09 -16.13
C SER A 60 15.49 -16.56 -15.34
N ILE A 61 15.75 -16.16 -14.10
CA ILE A 61 14.70 -15.64 -13.23
C ILE A 61 13.87 -14.54 -13.87
N PRO A 62 12.53 -14.69 -13.84
CA PRO A 62 11.62 -13.70 -14.42
C PRO A 62 11.72 -12.43 -13.60
N GLY A 63 12.01 -11.31 -14.25
CA GLY A 63 12.14 -10.05 -13.54
C GLY A 63 13.58 -9.61 -13.45
N ILE A 64 14.47 -10.44 -13.99
CA ILE A 64 15.90 -10.16 -13.99
C ILE A 64 16.46 -10.35 -15.40
N GLY A 65 17.05 -9.29 -15.94
CA GLY A 65 17.61 -9.36 -17.28
C GLY A 65 19.12 -9.19 -17.28
N LYS A 66 19.69 -8.90 -18.44
CA LYS A 66 21.12 -8.71 -18.57
C LYS A 66 21.67 -7.72 -17.56
N ARG A 67 21.20 -6.48 -17.63
CA ARG A 67 21.66 -5.42 -16.74
C ARG A 67 21.52 -5.72 -15.25
N MET A 68 20.41 -6.35 -14.85
CA MET A 68 20.21 -6.67 -13.44
C MET A 68 21.12 -7.81 -13.01
N ALA A 69 21.27 -8.80 -13.88
CA ALA A 69 22.13 -9.95 -13.59
C ALA A 69 23.57 -9.47 -13.41
N GLU A 70 23.97 -8.52 -14.25
CA GLU A 70 25.32 -7.96 -14.19
C GLU A 70 25.56 -7.34 -12.81
N LYS A 71 24.58 -6.59 -12.32
CA LYS A 71 24.70 -5.95 -11.02
C LYS A 71 24.71 -6.97 -9.89
N ILE A 72 23.98 -8.06 -10.05
CA ILE A 72 23.93 -9.10 -9.03
C ILE A 72 25.27 -9.82 -8.99
N ILE A 73 25.99 -9.78 -10.11
CA ILE A 73 27.30 -10.41 -10.23
C ILE A 73 28.35 -9.59 -9.51
N GLU A 74 28.41 -8.29 -9.83
CA GLU A 74 29.35 -7.38 -9.20
C GLU A 74 29.25 -7.50 -7.69
N ILE A 75 28.04 -7.77 -7.22
CA ILE A 75 27.79 -7.91 -5.79
C ILE A 75 28.39 -9.20 -5.22
N LEU A 76 28.29 -10.28 -5.97
CA LEU A 76 28.82 -11.56 -5.49
C LEU A 76 30.31 -11.72 -5.71
N GLU A 77 30.88 -10.95 -6.65
CA GLU A 77 32.30 -11.05 -6.93
C GLU A 77 33.13 -10.03 -6.14
N SER A 78 32.55 -8.85 -5.90
CA SER A 78 33.25 -7.81 -5.15
C SER A 78 32.54 -7.46 -3.85
N GLY A 79 31.34 -8.00 -3.67
CA GLY A 79 30.58 -7.71 -2.46
C GLY A 79 30.24 -6.23 -2.37
N HIS A 80 30.32 -5.55 -3.52
CA HIS A 80 30.04 -4.12 -3.58
C HIS A 80 29.32 -3.74 -4.88
N LEU A 81 28.67 -2.59 -4.87
CA LEU A 81 27.95 -2.12 -6.05
C LEU A 81 28.43 -0.69 -6.34
N ARG A 82 29.41 -0.57 -7.23
CA ARG A 82 30.00 0.71 -7.58
C ARG A 82 28.97 1.80 -7.83
N LYS A 83 27.81 1.42 -8.35
CA LYS A 83 26.74 2.37 -8.63
C LYS A 83 26.34 3.14 -7.37
N LEU A 84 26.28 2.44 -6.25
CA LEU A 84 25.90 3.04 -4.98
C LEU A 84 26.83 4.19 -4.59
N ASP A 85 28.05 4.19 -5.11
CA ASP A 85 29.02 5.24 -4.78
C ASP A 85 28.75 6.54 -5.54
N HIS A 86 27.81 6.51 -6.48
CA HIS A 86 27.50 7.71 -7.26
C HIS A 86 26.06 8.19 -7.15
N ILE A 87 25.44 7.90 -6.02
CA ILE A 87 24.06 8.33 -5.79
C ILE A 87 24.14 9.80 -5.43
N SER A 88 23.30 10.61 -6.06
CA SER A 88 23.31 12.05 -5.79
C SER A 88 23.13 12.36 -4.32
N GLU A 89 23.81 13.41 -3.86
CA GLU A 89 23.74 13.83 -2.48
C GLU A 89 22.38 14.42 -2.14
N SER A 90 21.49 14.51 -3.12
CA SER A 90 20.16 15.06 -2.87
C SER A 90 19.18 13.97 -2.43
N VAL A 91 19.53 12.72 -2.71
CA VAL A 91 18.66 11.60 -2.37
C VAL A 91 18.22 11.51 -0.91
N PRO A 92 19.18 11.58 0.04
CA PRO A 92 18.76 11.50 1.45
C PRO A 92 17.75 12.59 1.77
N VAL A 93 17.95 13.76 1.17
CA VAL A 93 17.04 14.88 1.41
C VAL A 93 15.71 14.64 0.72
N LEU A 94 15.75 14.15 -0.51
CA LEU A 94 14.52 13.87 -1.24
C LEU A 94 13.70 12.82 -0.50
N GLU A 95 14.40 11.88 0.14
CA GLU A 95 13.72 10.83 0.90
C GLU A 95 13.08 11.41 2.15
N LEU A 96 13.84 12.27 2.83
CA LEU A 96 13.36 12.92 4.04
C LEU A 96 12.06 13.66 3.70
N PHE A 97 12.11 14.43 2.62
CA PHE A 97 10.95 15.21 2.18
C PHE A 97 9.75 14.38 1.74
N SER A 98 9.98 13.37 0.92
CA SER A 98 8.86 12.56 0.44
C SER A 98 8.29 11.62 1.49
N ASN A 99 8.90 11.59 2.68
CA ASN A 99 8.37 10.76 3.74
C ASN A 99 7.26 11.49 4.47
N ILE A 100 7.01 12.73 4.04
CA ILE A 100 5.92 13.54 4.59
C ILE A 100 4.69 13.07 3.81
N TRP A 101 3.65 12.62 4.52
CA TRP A 101 2.45 12.16 3.84
C TRP A 101 1.86 13.33 3.05
N GLY A 102 1.58 13.12 1.76
CA GLY A 102 1.03 14.19 0.96
C GLY A 102 2.06 14.84 0.05
N ALA A 103 3.33 14.53 0.28
CA ALA A 103 4.39 15.08 -0.56
C ALA A 103 5.04 13.92 -1.30
N GLY A 104 5.13 14.03 -2.62
CA GLY A 104 5.74 12.99 -3.43
C GLY A 104 7.03 13.50 -4.04
N THR A 105 7.52 12.82 -5.07
CA THR A 105 8.76 13.22 -5.72
C THR A 105 8.76 14.66 -6.28
N LYS A 106 7.67 15.07 -6.92
CA LYS A 106 7.62 16.41 -7.51
C LYS A 106 7.78 17.51 -6.44
N THR A 107 7.07 17.36 -5.34
CA THR A 107 7.14 18.33 -4.27
C THR A 107 8.52 18.32 -3.61
N ALA A 108 9.06 17.12 -3.37
CA ALA A 108 10.39 17.02 -2.76
C ALA A 108 11.43 17.69 -3.65
N GLN A 109 11.37 17.43 -4.95
CA GLN A 109 12.31 18.05 -5.87
C GLN A 109 12.17 19.57 -5.88
N MET A 110 10.94 20.07 -5.88
CA MET A 110 10.70 21.51 -5.87
C MET A 110 11.31 22.12 -4.60
N TRP A 111 11.00 21.53 -3.44
CA TRP A 111 11.55 22.03 -2.19
C TRP A 111 13.07 22.01 -2.23
N TYR A 112 13.65 20.97 -2.82
CA TYR A 112 15.10 20.85 -2.89
C TYR A 112 15.69 21.94 -3.78
N GLN A 113 15.01 22.23 -4.88
CA GLN A 113 15.46 23.25 -5.81
C GLN A 113 15.37 24.61 -5.15
N GLN A 114 14.40 24.76 -4.23
CA GLN A 114 14.21 26.03 -3.53
C GLN A 114 15.23 26.25 -2.42
N GLY A 115 16.13 25.30 -2.21
CA GLY A 115 17.16 25.44 -1.20
C GLY A 115 16.94 24.73 0.12
N PHE A 116 15.76 24.18 0.34
CA PHE A 116 15.46 23.48 1.58
C PHE A 116 16.24 22.17 1.71
N ARG A 117 16.70 21.88 2.92
CA ARG A 117 17.47 20.67 3.16
C ARG A 117 17.02 19.89 4.40
N SER A 118 16.23 20.54 5.25
CA SER A 118 15.78 19.89 6.49
C SER A 118 14.31 20.13 6.74
N LEU A 119 13.73 19.37 7.67
CA LEU A 119 12.32 19.55 7.99
C LEU A 119 12.12 20.89 8.68
N GLU A 120 13.19 21.41 9.29
CA GLU A 120 13.10 22.71 9.94
C GLU A 120 12.88 23.74 8.82
N ASP A 121 13.59 23.56 7.71
CA ASP A 121 13.45 24.44 6.55
C ASP A 121 12.01 24.33 6.03
N ILE A 122 11.52 23.09 5.90
CA ILE A 122 10.15 22.90 5.41
C ILE A 122 9.17 23.60 6.33
N ARG A 123 9.26 23.31 7.62
CA ARG A 123 8.38 23.90 8.63
C ARG A 123 8.33 25.43 8.59
N SER A 124 9.50 26.05 8.54
CA SER A 124 9.58 27.51 8.58
C SER A 124 9.42 28.26 7.26
N GLN A 125 9.80 27.66 6.13
CA GLN A 125 9.72 28.38 4.86
C GLN A 125 8.96 27.75 3.70
N ALA A 126 8.76 26.44 3.72
CA ALA A 126 8.08 25.80 2.61
C ALA A 126 6.58 26.03 2.52
N SER A 127 6.05 25.94 1.31
CA SER A 127 4.63 26.08 1.08
C SER A 127 4.12 24.65 1.30
N LEU A 128 3.11 24.49 2.15
CA LEU A 128 2.57 23.17 2.46
C LEU A 128 1.07 23.06 2.24
N THR A 129 0.64 21.96 1.63
CA THR A 129 -0.79 21.75 1.45
C THR A 129 -1.33 21.35 2.82
N THR A 130 -2.65 21.37 2.99
CA THR A 130 -3.28 21.00 4.25
C THR A 130 -2.86 19.60 4.66
N GLN A 131 -2.84 18.66 3.70
CA GLN A 131 -2.44 17.30 3.98
C GLN A 131 -0.98 17.23 4.43
N GLN A 132 -0.10 17.94 3.72
CA GLN A 132 1.32 17.94 4.07
C GLN A 132 1.59 18.47 5.47
N ALA A 133 0.81 19.46 5.90
CA ALA A 133 0.97 20.03 7.24
C ALA A 133 0.68 18.97 8.28
N ILE A 134 -0.35 18.18 8.01
CA ILE A 134 -0.73 17.09 8.91
C ILE A 134 0.34 16.00 8.85
N GLY A 135 0.82 15.70 7.65
CA GLY A 135 1.86 14.70 7.53
C GLY A 135 3.10 15.14 8.28
N LEU A 136 3.44 16.42 8.17
CA LEU A 136 4.61 16.94 8.85
C LEU A 136 4.49 16.86 10.37
N LYS A 137 3.35 17.27 10.91
CA LYS A 137 3.19 17.24 12.36
C LYS A 137 3.21 15.84 12.97
N HIS A 138 3.00 14.82 12.15
CA HIS A 138 3.02 13.45 12.64
C HIS A 138 4.15 12.70 11.95
N TYR A 139 5.15 13.44 11.50
CA TYR A 139 6.26 12.85 10.77
C TYR A 139 6.84 11.57 11.38
N SER A 140 7.23 11.62 12.64
CA SER A 140 7.81 10.43 13.27
C SER A 140 6.80 9.31 13.42
N ASP A 141 5.60 9.64 13.87
CA ASP A 141 4.57 8.62 14.07
C ASP A 141 4.23 7.86 12.79
N PHE A 142 4.05 8.58 11.69
CA PHE A 142 3.70 7.93 10.43
C PHE A 142 4.81 7.08 9.84
N LEU A 143 6.02 7.15 10.37
CA LEU A 143 7.10 6.31 9.85
C LEU A 143 7.14 4.97 10.59
N GLU A 144 6.43 4.90 11.71
CA GLU A 144 6.41 3.69 12.52
C GLU A 144 5.28 2.73 12.17
N ARG A 145 5.57 1.43 12.29
CA ARG A 145 4.57 0.42 12.03
C ARG A 145 4.11 0.02 13.42
N MET A 146 2.80 -0.08 13.61
CA MET A 146 2.24 -0.43 14.91
C MET A 146 2.13 -1.94 15.10
N PRO A 147 2.12 -2.38 16.37
CA PRO A 147 2.01 -3.81 16.65
C PRO A 147 0.61 -4.24 16.22
N ARG A 148 0.50 -5.46 15.71
CA ARG A 148 -0.79 -5.99 15.26
C ARG A 148 -1.87 -5.75 16.32
N GLU A 149 -1.52 -5.96 17.58
N GLU A 149 -1.45 -5.85 17.62
CA GLU A 149 -2.44 -5.78 18.71
CA GLU A 149 -2.44 -5.77 18.70
C GLU A 149 -3.12 -4.42 18.69
C GLU A 149 -3.05 -4.38 18.84
N GLU A 150 -2.34 -3.37 18.40
CA GLU A 150 -2.89 -2.02 18.36
C GLU A 150 -3.86 -1.89 17.19
N ALA A 151 -3.51 -2.51 16.07
CA ALA A 151 -4.36 -2.46 14.87
C ALA A 151 -5.72 -3.05 15.18
N THR A 152 -5.73 -4.09 16.01
CA THR A 152 -6.97 -4.73 16.42
C THR A 152 -7.83 -3.74 17.20
N GLU A 153 -7.21 -3.04 18.15
CA GLU A 153 -7.92 -2.07 18.97
C GLU A 153 -8.52 -0.95 18.12
N ILE A 154 -7.81 -0.56 17.07
CA ILE A 154 -8.31 0.49 16.20
C ILE A 154 -9.48 -0.04 15.38
N GLU A 155 -9.34 -1.26 14.87
CA GLU A 155 -10.42 -1.87 14.10
C GLU A 155 -11.67 -1.95 14.98
N GLN A 156 -11.51 -2.50 16.18
CA GLN A 156 -12.61 -2.65 17.12
C GLN A 156 -13.28 -1.33 17.45
N THR A 157 -12.48 -0.27 17.51
CA THR A 157 -12.99 1.06 17.81
C THR A 157 -13.92 1.56 16.69
N VAL A 158 -13.56 1.23 15.46
CA VAL A 158 -14.37 1.64 14.32
C VAL A 158 -15.63 0.78 14.22
N GLN A 159 -15.44 -0.54 14.35
CA GLN A 159 -16.55 -1.49 14.27
C GLN A 159 -17.62 -1.16 15.31
N LYS A 160 -17.17 -0.91 16.53
CA LYS A 160 -18.08 -0.56 17.62
C LYS A 160 -18.87 0.70 17.25
N ALA A 161 -18.14 1.77 16.92
CA ALA A 161 -18.79 3.02 16.57
C ALA A 161 -19.74 2.87 15.38
N ALA A 162 -19.39 2.01 14.44
CA ALA A 162 -20.23 1.79 13.28
C ALA A 162 -21.48 0.98 13.63
N GLN A 163 -21.27 -0.16 14.29
CA GLN A 163 -22.40 -1.02 14.67
C GLN A 163 -23.39 -0.33 15.60
N ALA A 164 -22.99 0.79 16.19
CA ALA A 164 -23.86 1.53 17.09
C ALA A 164 -25.03 2.10 16.29
N PHE A 165 -24.79 2.33 15.00
CA PHE A 165 -25.81 2.89 14.10
C PHE A 165 -26.65 1.77 13.52
N ASN A 166 -25.98 0.69 13.13
CA ASN A 166 -26.64 -0.47 12.57
C ASN A 166 -25.78 -1.67 12.95
N SER A 167 -26.30 -2.48 13.86
CA SER A 167 -25.59 -3.66 14.34
C SER A 167 -25.31 -4.65 13.23
N GLY A 168 -25.92 -4.43 12.07
CA GLY A 168 -25.71 -5.32 10.95
C GLY A 168 -24.50 -4.98 10.10
N LEU A 169 -24.00 -3.76 10.23
CA LEU A 169 -22.84 -3.32 9.47
C LEU A 169 -21.66 -4.26 9.67
N LEU A 170 -21.14 -4.78 8.57
CA LEU A 170 -20.00 -5.68 8.61
C LEU A 170 -18.72 -4.84 8.52
N CYS A 171 -17.80 -5.07 9.45
CA CYS A 171 -16.54 -4.32 9.46
C CYS A 171 -15.36 -5.27 9.49
N VAL A 172 -14.48 -5.14 8.50
CA VAL A 172 -13.31 -6.00 8.42
C VAL A 172 -12.04 -5.20 8.20
N ALA A 173 -11.01 -5.51 8.98
CA ALA A 173 -9.73 -4.84 8.84
C ALA A 173 -9.01 -5.60 7.73
N CYS A 174 -8.64 -4.90 6.67
CA CYS A 174 -7.96 -5.52 5.55
C CYS A 174 -6.47 -5.17 5.55
N GLY A 175 -5.92 -4.80 4.40
CA GLY A 175 -4.52 -4.45 4.31
C GLY A 175 -3.57 -5.47 4.92
N SER A 176 -2.41 -4.99 5.37
CA SER A 176 -1.41 -5.85 5.99
C SER A 176 -1.96 -6.63 7.19
N TYR A 177 -2.99 -6.08 7.83
CA TYR A 177 -3.60 -6.75 8.98
C TYR A 177 -4.20 -8.09 8.58
N ARG A 178 -5.04 -8.08 7.55
CA ARG A 178 -5.68 -9.30 7.08
C ARG A 178 -4.66 -10.25 6.46
N ARG A 179 -3.54 -9.71 5.98
CA ARG A 179 -2.51 -10.58 5.42
C ARG A 179 -1.69 -11.17 6.58
N GLY A 180 -2.13 -10.91 7.81
CA GLY A 180 -1.48 -11.44 8.99
C GLY A 180 -0.11 -10.95 9.43
N LYS A 181 0.24 -9.72 9.06
N LYS A 181 0.17 -9.70 9.07
CA LYS A 181 1.54 -9.18 9.43
CA LYS A 181 1.48 -9.19 9.39
C LYS A 181 1.65 -8.91 10.93
C LYS A 181 1.61 -8.93 10.90
N ALA A 182 2.87 -9.01 11.45
CA ALA A 182 3.13 -8.76 12.86
C ALA A 182 3.01 -7.29 13.20
N THR A 183 3.32 -6.43 12.22
CA THR A 183 3.21 -4.98 12.42
C THR A 183 2.45 -4.40 11.24
N CYS A 184 1.78 -3.27 11.48
CA CYS A 184 0.99 -2.61 10.43
C CYS A 184 1.32 -1.12 10.28
N GLY A 185 1.53 -0.69 9.03
CA GLY A 185 1.84 0.70 8.77
C GLY A 185 0.65 1.60 9.09
N ASP A 186 -0.54 1.03 8.99
CA ASP A 186 -1.77 1.74 9.30
C ASP A 186 -2.89 0.73 9.45
N VAL A 187 -4.13 1.20 9.54
CA VAL A 187 -5.27 0.29 9.66
C VAL A 187 -6.27 0.59 8.55
N ASP A 188 -6.62 -0.43 7.80
CA ASP A 188 -7.55 -0.34 6.68
C ASP A 188 -8.84 -1.10 7.03
N VAL A 189 -9.94 -0.37 7.17
CA VAL A 189 -11.22 -0.98 7.55
C VAL A 189 -12.26 -0.90 6.44
N LEU A 190 -12.74 -2.06 6.02
CA LEU A 190 -13.77 -2.16 4.98
C LEU A 190 -15.12 -2.30 5.68
N ILE A 191 -16.09 -1.50 5.25
CA ILE A 191 -17.42 -1.53 5.84
C ILE A 191 -18.50 -1.71 4.78
N THR A 192 -19.38 -2.68 5.02
CA THR A 192 -20.48 -2.98 4.12
C THR A 192 -21.62 -3.60 4.92
N HIS A 193 -22.74 -3.88 4.26
CA HIS A 193 -23.88 -4.50 4.94
C HIS A 193 -24.53 -5.52 4.02
N PRO A 194 -24.72 -6.76 4.51
CA PRO A 194 -25.32 -7.86 3.73
C PRO A 194 -26.69 -7.55 3.14
N ASP A 195 -27.40 -6.57 3.72
CA ASP A 195 -28.72 -6.21 3.22
C ASP A 195 -28.60 -5.45 1.91
N GLY A 196 -27.36 -5.17 1.52
CA GLY A 196 -27.09 -4.48 0.27
C GLY A 196 -27.60 -3.05 0.16
N ARG A 197 -27.96 -2.41 1.26
CA ARG A 197 -28.44 -1.04 1.20
C ARG A 197 -28.18 -0.22 2.46
N SER A 198 -28.17 -0.87 3.61
CA SER A 198 -27.96 -0.19 4.88
C SER A 198 -26.62 0.55 4.96
N HIS A 199 -25.68 0.20 4.10
CA HIS A 199 -24.37 0.83 4.11
C HIS A 199 -24.46 2.30 3.73
N ARG A 200 -25.52 2.67 3.02
CA ARG A 200 -25.72 4.05 2.59
C ARG A 200 -26.03 4.99 3.75
N GLY A 201 -25.65 6.25 3.59
CA GLY A 201 -25.92 7.25 4.62
C GLY A 201 -25.44 6.89 6.01
N ILE A 202 -24.17 6.53 6.13
CA ILE A 202 -23.59 6.17 7.42
C ILE A 202 -22.22 6.80 7.57
N PHE A 203 -21.44 6.71 6.50
CA PHE A 203 -20.09 7.25 6.47
C PHE A 203 -19.99 8.55 7.25
N SER A 204 -20.69 9.57 6.79
CA SER A 204 -20.69 10.87 7.45
C SER A 204 -20.89 10.75 8.95
N ARG A 205 -22.00 10.13 9.35
CA ARG A 205 -22.31 9.97 10.77
C ARG A 205 -21.25 9.20 11.55
N LEU A 206 -20.66 8.19 10.91
CA LEU A 206 -19.62 7.40 11.55
C LEU A 206 -18.45 8.30 11.91
N LEU A 207 -17.99 9.08 10.94
CA LEU A 207 -16.86 9.98 11.14
C LEU A 207 -17.15 10.99 12.24
N ASP A 208 -18.38 11.51 12.27
N ASP A 208 -18.37 11.48 12.26
CA ASP A 208 -18.77 12.48 13.29
CA ASP A 208 -18.76 12.45 13.27
C ASP A 208 -18.63 11.83 14.66
C ASP A 208 -18.64 11.83 14.65
N SER A 209 -19.18 10.63 14.80
CA SER A 209 -19.12 9.90 16.06
C SER A 209 -17.66 9.72 16.49
N LEU A 210 -16.86 9.12 15.61
CA LEU A 210 -15.45 8.89 15.90
C LEU A 210 -14.72 10.20 16.21
N ARG A 211 -15.18 11.28 15.59
CA ARG A 211 -14.57 12.58 15.80
C ARG A 211 -14.97 13.15 17.16
N GLN A 212 -16.25 13.06 17.49
CA GLN A 212 -16.76 13.57 18.77
C GLN A 212 -16.14 12.78 19.92
N GLU A 213 -15.84 11.51 19.65
CA GLU A 213 -15.24 10.62 20.64
C GLU A 213 -13.77 11.00 20.86
N GLY A 214 -13.25 11.90 20.02
CA GLY A 214 -11.87 12.33 20.13
C GLY A 214 -10.88 11.35 19.52
N PHE A 215 -11.41 10.28 18.94
CA PHE A 215 -10.59 9.25 18.31
C PHE A 215 -9.91 9.72 17.02
N LEU A 216 -10.67 10.35 16.12
CA LEU A 216 -10.13 10.86 14.86
C LEU A 216 -9.56 12.24 15.15
N THR A 217 -8.29 12.46 14.82
CA THR A 217 -7.64 13.73 15.10
C THR A 217 -7.43 14.66 13.91
N ASP A 218 -7.40 14.10 12.70
CA ASP A 218 -7.21 14.90 11.50
C ASP A 218 -7.74 14.11 10.30
N ASP A 219 -8.23 14.81 9.28
CA ASP A 219 -8.71 14.16 8.07
C ASP A 219 -7.78 14.53 6.95
N LEU A 220 -7.47 13.57 6.08
CA LEU A 220 -6.58 13.82 4.95
C LEU A 220 -7.36 13.81 3.65
N VAL A 221 -8.23 12.83 3.50
CA VAL A 221 -9.05 12.68 2.30
C VAL A 221 -10.44 12.20 2.71
N LYS A 222 -11.47 12.84 2.17
CA LYS A 222 -12.84 12.45 2.49
C LYS A 222 -13.71 12.42 1.24
N GLY A 223 -13.90 11.22 0.69
CA GLY A 223 -14.71 11.08 -0.50
C GLY A 223 -16.03 10.39 -0.21
N GLU A 224 -16.76 10.04 -1.25
N GLU A 224 -16.79 10.05 -1.23
CA GLU A 224 -18.07 9.47 -1.09
CA GLU A 224 -18.10 9.50 -1.01
C GLU A 224 -18.02 8.14 -0.32
C GLU A 224 -18.05 8.11 -0.33
N THR A 225 -17.07 7.28 -0.65
CA THR A 225 -16.95 6.00 0.04
C THR A 225 -15.52 5.70 0.48
N LYS A 226 -14.71 6.75 0.56
CA LYS A 226 -13.31 6.59 0.94
C LYS A 226 -12.87 7.66 1.93
N TYR A 227 -12.29 7.22 3.04
CA TYR A 227 -11.80 8.16 4.05
C TYR A 227 -10.39 7.80 4.46
N LEU A 228 -9.50 8.79 4.45
CA LEU A 228 -8.12 8.61 4.86
C LEU A 228 -7.89 9.65 5.95
N GLY A 229 -7.58 9.20 7.16
CA GLY A 229 -7.37 10.14 8.23
C GLY A 229 -6.35 9.73 9.26
N VAL A 230 -6.44 10.36 10.42
CA VAL A 230 -5.51 10.13 11.52
C VAL A 230 -6.29 9.86 12.81
N CYS A 231 -5.87 8.84 13.55
CA CYS A 231 -6.53 8.52 14.80
C CYS A 231 -5.51 8.26 15.89
N ARG A 232 -6.00 8.17 17.14
CA ARG A 232 -5.15 7.89 18.28
C ARG A 232 -6.01 7.30 19.40
N LEU A 233 -5.61 6.14 19.89
CA LEU A 233 -6.36 5.48 20.95
C LEU A 233 -6.22 6.30 22.24
N PRO A 234 -7.20 6.17 23.14
CA PRO A 234 -7.19 6.90 24.42
C PRO A 234 -6.12 6.39 25.38
N GLY A 235 -5.71 7.24 26.31
CA GLY A 235 -4.73 6.81 27.30
C GLY A 235 -3.31 7.28 27.02
N PRO A 236 -2.38 7.03 27.96
CA PRO A 236 -0.99 7.43 27.80
C PRO A 236 -0.22 6.42 26.96
N GLY A 237 0.92 6.83 26.43
CA GLY A 237 1.75 5.93 25.63
C GLY A 237 1.20 5.64 24.24
N ARG A 238 0.24 6.46 23.78
CA ARG A 238 -0.35 6.25 22.47
C ARG A 238 0.17 7.22 21.42
N ARG A 239 0.42 6.70 20.23
CA ARG A 239 0.91 7.52 19.12
C ARG A 239 -0.21 7.68 18.09
N HIS A 240 -0.10 8.68 17.23
CA HIS A 240 -1.11 8.88 16.19
C HIS A 240 -0.87 7.85 15.10
N ARG A 241 -1.97 7.32 14.53
CA ARG A 241 -1.86 6.31 13.48
C ARG A 241 -2.74 6.68 12.29
N ARG A 242 -2.33 6.24 11.10
CA ARG A 242 -3.09 6.50 9.91
C ARG A 242 -4.24 5.49 9.87
N LEU A 243 -5.42 5.95 9.48
CA LEU A 243 -6.59 5.09 9.40
C LEU A 243 -7.29 5.30 8.06
N ASP A 244 -7.55 4.21 7.36
CA ASP A 244 -8.25 4.30 6.08
C ASP A 244 -9.56 3.53 6.22
N ILE A 245 -10.64 4.11 5.74
CA ILE A 245 -11.94 3.45 5.81
C ILE A 245 -12.64 3.56 4.46
N ILE A 246 -13.21 2.45 4.00
CA ILE A 246 -13.95 2.45 2.75
C ILE A 246 -15.31 1.80 3.03
N VAL A 247 -16.35 2.37 2.45
CA VAL A 247 -17.70 1.86 2.62
C VAL A 247 -18.17 1.42 1.25
N VAL A 248 -18.52 0.14 1.10
CA VAL A 248 -18.95 -0.37 -0.19
C VAL A 248 -20.28 -1.11 -0.13
N PRO A 249 -21.02 -1.12 -1.24
CA PRO A 249 -22.30 -1.83 -1.25
C PRO A 249 -21.96 -3.32 -1.25
N TYR A 250 -22.82 -4.14 -0.66
CA TYR A 250 -22.56 -5.57 -0.57
C TYR A 250 -22.28 -6.27 -1.89
N SER A 251 -22.88 -5.79 -2.96
CA SER A 251 -22.68 -6.40 -4.28
C SER A 251 -21.24 -6.31 -4.78
N GLU A 252 -20.45 -5.46 -4.14
CA GLU A 252 -19.04 -5.29 -4.53
C GLU A 252 -18.11 -5.77 -3.43
N PHE A 253 -18.67 -6.44 -2.42
CA PHE A 253 -17.90 -6.93 -1.29
C PHE A 253 -16.65 -7.74 -1.63
N ALA A 254 -16.80 -8.77 -2.45
CA ALA A 254 -15.67 -9.61 -2.80
C ALA A 254 -14.52 -8.86 -3.44
N CYS A 255 -14.83 -8.02 -4.43
CA CYS A 255 -13.78 -7.26 -5.12
C CYS A 255 -13.19 -6.17 -4.23
N ALA A 256 -14.02 -5.59 -3.38
CA ALA A 256 -13.58 -4.55 -2.46
C ALA A 256 -12.64 -5.17 -1.45
N LEU A 257 -13.02 -6.34 -0.94
CA LEU A 257 -12.22 -7.07 0.03
C LEU A 257 -10.89 -7.49 -0.61
N LEU A 258 -10.97 -8.01 -1.83
CA LEU A 258 -9.78 -8.45 -2.53
C LEU A 258 -8.83 -7.27 -2.69
N TYR A 259 -9.35 -6.17 -3.21
CA TYR A 259 -8.55 -4.96 -3.40
C TYR A 259 -7.90 -4.43 -2.11
N PHE A 260 -8.73 -4.21 -1.10
CA PHE A 260 -8.26 -3.64 0.16
C PHE A 260 -7.33 -4.54 0.97
N THR A 261 -7.30 -5.83 0.67
CA THR A 261 -6.41 -6.74 1.40
C THR A 261 -5.03 -6.73 0.76
N GLY A 262 -4.97 -6.44 -0.55
CA GLY A 262 -3.69 -6.38 -1.24
C GLY A 262 -2.92 -7.69 -1.27
N SER A 263 -1.58 -7.63 -1.31
CA SER A 263 -0.82 -6.37 -1.31
C SER A 263 -0.97 -5.55 -2.59
N ALA A 264 -0.35 -4.37 -2.61
CA ALA A 264 -0.40 -3.48 -3.76
C ALA A 264 0.15 -4.16 -5.00
N HIS A 265 1.33 -4.75 -4.87
CA HIS A 265 1.96 -5.45 -5.98
C HIS A 265 1.13 -6.67 -6.40
N PHE A 266 0.47 -7.30 -5.44
CA PHE A 266 -0.39 -8.44 -5.74
C PHE A 266 -1.57 -7.95 -6.57
N ASN A 267 -2.17 -6.83 -6.16
CA ASN A 267 -3.30 -6.26 -6.88
C ASN A 267 -2.90 -5.90 -8.30
N ARG A 268 -1.75 -5.24 -8.44
CA ARG A 268 -1.27 -4.85 -9.76
C ARG A 268 -1.06 -6.07 -10.66
N SER A 269 -0.49 -7.13 -10.11
CA SER A 269 -0.24 -8.34 -10.89
C SER A 269 -1.56 -8.98 -11.31
N MET A 270 -2.47 -9.11 -10.37
CA MET A 270 -3.78 -9.69 -10.65
C MET A 270 -4.51 -8.88 -11.72
N ARG A 271 -4.47 -7.55 -11.58
CA ARG A 271 -5.14 -6.68 -12.53
C ARG A 271 -4.49 -6.79 -13.91
N ALA A 272 -3.17 -6.96 -13.93
CA ALA A 272 -2.45 -7.10 -15.19
C ALA A 272 -2.88 -8.40 -15.87
N LEU A 273 -3.04 -9.45 -15.09
CA LEU A 273 -3.45 -10.75 -15.62
C LEU A 273 -4.82 -10.61 -16.25
N ALA A 274 -5.75 -9.99 -15.51
CA ALA A 274 -7.10 -9.79 -16.00
C ALA A 274 -7.07 -9.08 -17.35
N LYS A 275 -6.21 -8.08 -17.46
CA LYS A 275 -6.06 -7.30 -18.69
C LYS A 275 -5.67 -8.17 -19.89
N THR A 276 -4.75 -9.12 -19.68
CA THR A 276 -4.30 -9.98 -20.77
C THR A 276 -5.39 -10.95 -21.21
N LYS A 277 -6.38 -11.15 -20.35
CA LYS A 277 -7.47 -12.07 -20.67
C LYS A 277 -8.74 -11.34 -21.12
N GLY A 278 -8.58 -10.12 -21.59
CA GLY A 278 -9.73 -9.36 -22.06
C GLY A 278 -10.70 -9.01 -20.93
N MET A 279 -10.19 -8.93 -19.71
CA MET A 279 -11.01 -8.59 -18.56
C MET A 279 -10.50 -7.34 -17.87
N SER A 280 -11.20 -6.90 -16.83
CA SER A 280 -10.79 -5.73 -16.09
C SER A 280 -11.17 -5.90 -14.63
N LEU A 281 -10.19 -5.75 -13.75
CA LEU A 281 -10.40 -5.92 -12.33
C LEU A 281 -10.21 -4.63 -11.53
N SER A 282 -11.20 -4.30 -10.71
CA SER A 282 -11.16 -3.12 -9.85
C SER A 282 -11.79 -3.49 -8.50
N GLU A 283 -11.82 -2.54 -7.57
CA GLU A 283 -12.40 -2.79 -6.26
C GLU A 283 -13.92 -2.89 -6.43
N HIS A 284 -14.40 -2.46 -7.59
CA HIS A 284 -15.83 -2.50 -7.88
C HIS A 284 -16.28 -3.85 -8.42
N ALA A 285 -15.48 -4.44 -9.31
CA ALA A 285 -15.86 -5.71 -9.90
C ALA A 285 -14.85 -6.23 -10.91
N LEU A 286 -15.10 -7.46 -11.36
CA LEU A 286 -14.28 -8.11 -12.37
C LEU A 286 -15.16 -8.08 -13.61
N SER A 287 -14.70 -7.41 -14.66
CA SER A 287 -15.46 -7.28 -15.90
C SER A 287 -14.87 -8.07 -17.04
N THR A 288 -15.74 -8.59 -17.91
CA THR A 288 -15.31 -9.39 -19.05
C THR A 288 -15.82 -8.73 -20.34
N ALA A 289 -15.19 -9.08 -21.46
CA ALA A 289 -15.57 -8.51 -22.76
C ALA A 289 -15.30 -7.01 -22.76
N VAL A 290 -14.22 -6.61 -22.10
CA VAL A 290 -13.84 -5.20 -22.03
C VAL A 290 -13.12 -4.81 -23.31
N VAL A 291 -13.63 -3.79 -23.99
CA VAL A 291 -13.02 -3.32 -25.22
C VAL A 291 -12.01 -2.21 -24.93
N ARG A 292 -10.73 -2.57 -24.87
CA ARG A 292 -9.67 -1.61 -24.60
C ARG A 292 -9.43 -0.70 -25.80
N LYS A 298 -9.25 2.40 -21.96
CA LYS A 298 -10.33 1.51 -22.34
C LYS A 298 -11.25 2.15 -23.36
N VAL A 299 -12.28 1.42 -23.76
CA VAL A 299 -13.25 1.92 -24.73
C VAL A 299 -14.60 1.20 -24.58
N GLY A 300 -14.54 -0.03 -24.06
CA GLY A 300 -15.75 -0.80 -23.86
C GLY A 300 -15.93 -1.26 -22.42
N PRO A 301 -17.05 -0.90 -21.78
CA PRO A 301 -17.37 -1.26 -20.39
C PRO A 301 -17.30 -2.75 -20.11
N GLY A 302 -17.81 -3.55 -21.04
CA GLY A 302 -17.82 -4.99 -20.86
C GLY A 302 -18.91 -5.39 -19.88
N ARG A 303 -18.99 -6.68 -19.56
CA ARG A 303 -20.00 -7.16 -18.64
C ARG A 303 -19.39 -7.43 -17.28
N VAL A 304 -20.15 -7.17 -16.23
CA VAL A 304 -19.69 -7.43 -14.88
C VAL A 304 -19.93 -8.91 -14.61
N LEU A 305 -18.89 -9.61 -14.18
CA LEU A 305 -18.99 -11.03 -13.88
C LEU A 305 -19.39 -11.19 -12.41
N PRO A 306 -20.22 -12.20 -12.10
CA PRO A 306 -20.63 -12.41 -10.71
C PRO A 306 -19.49 -12.93 -9.85
N THR A 307 -19.21 -12.26 -8.75
CA THR A 307 -18.13 -12.68 -7.85
C THR A 307 -18.58 -12.56 -6.40
N PRO A 308 -19.37 -13.54 -5.92
CA PRO A 308 -19.88 -13.57 -4.55
C PRO A 308 -18.77 -13.58 -3.51
N THR A 309 -17.69 -14.29 -3.80
CA THR A 309 -16.56 -14.40 -2.89
C THR A 309 -15.22 -14.18 -3.61
N GLU A 310 -14.16 -14.02 -2.84
CA GLU A 310 -12.83 -13.81 -3.39
C GLU A 310 -12.42 -14.98 -4.27
N LYS A 311 -12.76 -16.20 -3.85
CA LYS A 311 -12.41 -17.40 -4.60
C LYS A 311 -12.94 -17.35 -6.03
N ASP A 312 -14.10 -16.72 -6.21
CA ASP A 312 -14.69 -16.60 -7.53
C ASP A 312 -13.79 -15.76 -8.44
N VAL A 313 -13.20 -14.70 -7.91
CA VAL A 313 -12.33 -13.86 -8.73
C VAL A 313 -11.13 -14.65 -9.24
N PHE A 314 -10.47 -15.40 -8.36
CA PHE A 314 -9.32 -16.20 -8.76
C PHE A 314 -9.79 -17.23 -9.80
N ARG A 315 -10.91 -17.88 -9.51
CA ARG A 315 -11.47 -18.89 -10.41
C ARG A 315 -11.69 -18.34 -11.81
N LEU A 316 -12.46 -17.25 -11.91
CA LEU A 316 -12.73 -16.64 -13.20
C LEU A 316 -11.45 -16.23 -13.92
N LEU A 317 -10.39 -15.96 -13.18
CA LEU A 317 -9.12 -15.59 -13.77
C LEU A 317 -8.26 -16.82 -14.03
N GLY A 318 -8.82 -17.99 -13.73
CA GLY A 318 -8.08 -19.23 -13.94
C GLY A 318 -6.86 -19.30 -13.04
N LEU A 319 -7.05 -18.99 -11.76
CA LEU A 319 -5.95 -19.00 -10.81
C LEU A 319 -6.25 -19.76 -9.53
N PRO A 320 -5.25 -20.42 -8.96
CA PRO A 320 -5.48 -21.15 -7.72
C PRO A 320 -5.67 -20.10 -6.62
N TYR A 321 -6.66 -20.30 -5.76
CA TYR A 321 -6.92 -19.35 -4.69
C TYR A 321 -5.73 -19.20 -3.76
N ARG A 322 -5.43 -17.97 -3.36
N ARG A 322 -5.41 -17.95 -3.24
CA ARG A 322 -4.33 -17.69 -2.46
CA ARG A 322 -4.29 -17.67 -2.36
C ARG A 322 -4.87 -17.06 -1.18
C ARG A 322 -4.74 -16.93 -1.11
N GLU A 323 -4.48 -17.62 -0.04
CA GLU A 323 -4.93 -17.09 1.24
C GLU A 323 -4.33 -15.69 1.39
N PRO A 324 -4.98 -14.81 2.16
CA PRO A 324 -4.48 -13.45 2.35
C PRO A 324 -2.99 -13.39 2.72
N ALA A 325 -2.56 -14.28 3.60
CA ALA A 325 -1.16 -14.31 4.03
C ALA A 325 -0.20 -14.60 2.88
N GLU A 326 -0.69 -15.22 1.83
CA GLU A 326 0.16 -15.54 0.69
C GLU A 326 0.01 -14.54 -0.45
N ARG A 327 -0.35 -13.30 -0.14
N ARG A 327 -0.69 -13.25 -0.09
CA ARG A 327 -0.51 -12.28 -1.17
CA ARG A 327 -0.80 -12.29 -1.19
C ARG A 327 0.46 -11.10 -1.03
C ARG A 327 0.15 -11.12 -0.99
N ASP A 328 1.72 -11.39 -0.79
N ASP A 328 0.95 -11.18 0.07
CA ASP A 328 2.73 -10.32 -0.65
CA ASP A 328 1.81 -10.07 0.45
C ASP A 328 3.10 -9.76 -2.02
C ASP A 328 3.10 -10.02 -0.38
N TRP A 329 2.78 -10.53 -3.06
N TRP A 329 3.09 -9.22 -1.44
CA TRP A 329 3.01 -10.16 -4.45
CA TRP A 329 4.31 -8.96 -2.19
C TRP A 329 2.83 -11.37 -5.34
C TRP A 329 4.75 -7.51 -2.00
#